data_1LMH
#
_entry.id   1LMH
#
_cell.length_a   94.131
_cell.length_b   121.873
_cell.length_c   47.579
_cell.angle_alpha   90.00
_cell.angle_beta   90.00
_cell.angle_gamma   90.00
#
_symmetry.space_group_name_H-M   'C 2 2 21'
#
loop_
_entity.id
_entity.type
_entity.pdbx_description
1 polymer 'PROTEIN (S.aureus peptide deformylase)'
2 non-polymer 'ZINC ION'
3 water water
#
_entity_poly.entity_id   1
_entity_poly.type   'polypeptide(L)'
_entity_poly.pdbx_seq_one_letter_code
;(MSE)LT(MSE)KDIIRDGHPTLRQKAAELELPLTKEEKETLIA(MSE)REFLVNSQDEEIAKRYGLRSGVGLAAPQINI
SKR(MSE)IAVLIPDDGSGKSYDY(MSE)LVNPKIVSHSVQEAYLPTGEGCLSVDDNVAGLVHRHNKITIKAKDIEGNDI
QLRLKGYPAIVFQHEIDHLNGV(MSE)FYDHIDKDHPLQPHTDAVEVH
;
_entity_poly.pdbx_strand_id   A
#
loop_
_chem_comp.id
_chem_comp.type
_chem_comp.name
_chem_comp.formula
ZN non-polymer 'ZINC ION' 'Zn 2'
#
# COMPACT_ATOMS: atom_id res chain seq x y z
N MSE A 1 -5.23 19.74 3.42
CA MSE A 1 -5.02 18.31 3.79
C MSE A 1 -5.91 17.41 2.93
O MSE A 1 -6.96 17.83 2.46
CB MSE A 1 -5.36 18.08 5.27
CG MSE A 1 -6.85 18.13 5.61
SE MSE A 1 -7.28 17.76 7.48
CE MSE A 1 -7.36 15.83 7.41
N LEU A 2 -5.45 16.18 2.72
CA LEU A 2 -6.23 15.22 1.95
C LEU A 2 -7.25 14.61 2.90
N THR A 3 -8.43 14.26 2.39
CA THR A 3 -9.46 13.63 3.21
C THR A 3 -10.12 12.54 2.38
N MSE A 4 -11.15 11.91 2.93
CA MSE A 4 -11.82 10.83 2.20
C MSE A 4 -12.38 11.27 0.85
O MSE A 4 -12.47 10.46 -0.08
CB MSE A 4 -12.94 10.22 3.05
CG MSE A 4 -12.46 9.53 4.32
SE MSE A 4 -11.02 8.27 4.01
CE MSE A 4 -12.03 6.84 3.20
N LYS A 5 -12.75 12.54 0.70
CA LYS A 5 -13.31 12.99 -0.57
C LYS A 5 -12.26 13.03 -1.68
N ASP A 6 -10.99 12.87 -1.32
CA ASP A 6 -9.90 12.86 -2.30
C ASP A 6 -9.63 11.43 -2.75
N ILE A 7 -10.07 10.47 -1.96
CA ILE A 7 -9.88 9.06 -2.25
C ILE A 7 -10.91 8.54 -3.24
N ILE A 8 -10.48 8.21 -4.45
CA ILE A 8 -11.40 7.68 -5.45
C ILE A 8 -11.73 6.24 -5.09
N ARG A 9 -12.93 5.79 -5.43
CA ARG A 9 -13.38 4.45 -5.09
C ARG A 9 -13.48 3.45 -6.23
N ASP A 10 -13.49 2.18 -5.87
CA ASP A 10 -13.60 1.06 -6.81
C ASP A 10 -14.63 1.42 -7.88
N GLY A 11 -14.20 1.36 -9.14
CA GLY A 11 -15.09 1.69 -10.24
C GLY A 11 -14.48 2.82 -11.03
N HIS A 12 -13.67 3.64 -10.37
CA HIS A 12 -13.02 4.76 -11.02
C HIS A 12 -11.94 4.17 -11.93
N PRO A 13 -11.95 4.54 -13.21
CA PRO A 13 -10.97 4.05 -14.18
C PRO A 13 -9.49 4.19 -13.81
N THR A 14 -9.14 5.25 -13.10
CA THR A 14 -7.75 5.46 -12.73
C THR A 14 -7.20 4.34 -11.84
N LEU A 15 -8.07 3.68 -11.09
CA LEU A 15 -7.62 2.60 -10.21
C LEU A 15 -7.22 1.35 -10.98
N ARG A 16 -7.62 1.28 -12.25
CA ARG A 16 -7.30 0.13 -13.08
C ARG A 16 -6.26 0.39 -14.17
N GLN A 17 -5.66 1.58 -14.14
CA GLN A 17 -4.63 1.90 -15.12
C GLN A 17 -3.27 1.55 -14.55
N LYS A 18 -2.24 1.61 -15.39
CA LYS A 18 -0.88 1.35 -14.93
C LYS A 18 -0.24 2.71 -14.69
N ALA A 19 0.07 3.02 -13.44
CA ALA A 19 0.67 4.31 -13.09
C ALA A 19 1.97 4.54 -13.86
N ALA A 20 2.23 5.79 -14.20
CA ALA A 20 3.42 6.15 -14.95
C ALA A 20 4.66 6.34 -14.09
N GLU A 21 5.81 5.91 -14.63
CA GLU A 21 7.09 6.05 -13.96
C GLU A 21 7.38 7.53 -13.71
N LEU A 22 8.00 7.83 -12.57
CA LEU A 22 8.34 9.21 -12.25
C LEU A 22 9.72 9.53 -12.78
N GLU A 23 9.87 10.74 -13.29
CA GLU A 23 11.17 11.18 -13.77
C GLU A 23 11.77 11.89 -12.56
N LEU A 24 13.05 11.65 -12.30
CA LEU A 24 13.73 12.30 -11.17
C LEU A 24 14.60 13.43 -11.70
N PRO A 25 14.71 14.54 -10.95
CA PRO A 25 14.04 14.80 -9.67
C PRO A 25 12.55 15.07 -9.82
N LEU A 26 11.81 14.85 -8.74
CA LEU A 26 10.37 15.09 -8.74
C LEU A 26 10.15 16.60 -8.78
N THR A 27 9.00 17.02 -9.32
CA THR A 27 8.68 18.44 -9.36
C THR A 27 8.26 18.84 -7.95
N LYS A 28 8.15 20.14 -7.71
CA LYS A 28 7.73 20.64 -6.40
C LYS A 28 6.35 20.06 -6.07
N GLU A 29 5.47 20.08 -7.05
CA GLU A 29 4.11 19.56 -6.88
C GLU A 29 4.07 18.08 -6.52
N GLU A 30 4.90 17.29 -7.20
CA GLU A 30 4.93 15.86 -6.92
C GLU A 30 5.43 15.58 -5.50
N LYS A 31 6.40 16.37 -5.05
CA LYS A 31 6.91 16.20 -3.70
C LYS A 31 5.84 16.56 -2.68
N GLU A 32 5.15 17.68 -2.92
CA GLU A 32 4.09 18.11 -2.02
C GLU A 32 2.99 17.06 -1.96
N THR A 33 2.74 16.40 -3.09
CA THR A 33 1.73 15.36 -3.17
C THR A 33 2.12 14.15 -2.32
N LEU A 34 3.35 13.70 -2.49
CA LEU A 34 3.85 12.54 -1.76
C LEU A 34 3.86 12.83 -0.25
N ILE A 35 4.24 14.05 0.10
CA ILE A 35 4.28 14.44 1.51
C ILE A 35 2.85 14.46 2.07
N ALA A 36 1.91 14.94 1.24
CA ALA A 36 0.50 15.00 1.63
C ALA A 36 -0.08 13.60 1.80
N MSE A 37 0.38 12.67 0.96
CA MSE A 37 -0.08 11.29 1.04
C MSE A 37 0.33 10.69 2.39
O MSE A 37 -0.48 10.04 3.06
CB MSE A 37 0.50 10.47 -0.12
CG MSE A 37 -0.15 10.78 -1.46
SE MSE A 37 0.76 10.05 -2.99
CE MSE A 37 0.87 8.20 -2.41
N ARG A 38 1.58 10.92 2.78
CA ARG A 38 2.05 10.41 4.06
C ARG A 38 1.29 11.09 5.20
N GLU A 39 1.09 12.40 5.08
CA GLU A 39 0.38 13.18 6.08
C GLU A 39 -1.04 12.64 6.26
N PHE A 40 -1.64 12.19 5.16
CA PHE A 40 -2.99 11.62 5.21
C PHE A 40 -2.96 10.38 6.11
N LEU A 41 -1.95 9.54 5.93
CA LEU A 41 -1.84 8.33 6.73
C LEU A 41 -1.65 8.70 8.21
N VAL A 42 -0.82 9.71 8.45
CA VAL A 42 -0.57 10.18 9.81
C VAL A 42 -1.89 10.58 10.43
N ASN A 43 -2.65 11.44 9.74
CA ASN A 43 -3.94 11.88 10.24
C ASN A 43 -4.93 10.73 10.42
N SER A 44 -4.94 9.78 9.49
CA SER A 44 -5.87 8.66 9.57
C SER A 44 -5.61 7.80 10.79
N GLN A 45 -4.36 7.82 11.28
CA GLN A 45 -3.96 7.03 12.43
C GLN A 45 -4.08 7.75 13.76
N ASP A 46 -4.44 9.04 13.70
CA ASP A 46 -4.62 9.85 14.90
C ASP A 46 -6.11 9.80 15.22
N GLU A 47 -6.46 9.17 16.33
CA GLU A 47 -7.87 9.03 16.73
C GLU A 47 -8.65 10.34 16.69
N GLU A 48 -8.10 11.38 17.28
CA GLU A 48 -8.77 12.68 17.31
C GLU A 48 -8.97 13.27 15.92
N ILE A 49 -7.88 13.38 15.15
CA ILE A 49 -7.96 13.94 13.81
C ILE A 49 -8.84 13.11 12.87
N ALA A 50 -8.67 11.79 12.91
CA ALA A 50 -9.47 10.90 12.06
C ALA A 50 -10.95 11.06 12.34
N LYS A 51 -11.29 11.22 13.62
CA LYS A 51 -12.69 11.39 13.99
C LYS A 51 -13.24 12.71 13.47
N ARG A 52 -12.47 13.78 13.70
CA ARG A 52 -12.86 15.12 13.27
C ARG A 52 -13.11 15.24 11.77
N TYR A 53 -12.29 14.55 10.98
CA TYR A 53 -12.44 14.62 9.52
C TYR A 53 -12.96 13.34 8.91
N GLY A 54 -13.50 12.45 9.75
CA GLY A 54 -14.04 11.20 9.27
C GLY A 54 -13.12 10.37 8.41
N LEU A 55 -11.87 10.21 8.85
CA LEU A 55 -10.89 9.45 8.10
C LEU A 55 -10.84 7.99 8.52
N ARG A 56 -10.65 7.12 7.54
CA ARG A 56 -10.56 5.68 7.78
C ARG A 56 -9.08 5.37 7.99
N SER A 57 -8.76 4.76 9.14
CA SER A 57 -7.37 4.43 9.47
C SER A 57 -6.72 3.47 8.47
N GLY A 58 -5.47 3.74 8.13
CA GLY A 58 -4.76 2.89 7.19
C GLY A 58 -3.25 3.05 7.32
N VAL A 59 -2.51 2.11 6.75
CA VAL A 59 -1.05 2.15 6.82
C VAL A 59 -0.35 2.31 5.46
N GLY A 60 -1.13 2.42 4.39
CA GLY A 60 -0.54 2.59 3.08
C GLY A 60 -1.43 3.37 2.14
N LEU A 61 -0.83 4.06 1.17
CA LEU A 61 -1.60 4.83 0.20
C LEU A 61 -0.79 4.91 -1.10
N ALA A 62 -1.48 4.80 -2.23
CA ALA A 62 -0.83 4.86 -3.54
C ALA A 62 -1.39 6.06 -4.31
N ALA A 63 -0.55 6.73 -5.08
CA ALA A 63 -0.97 7.90 -5.84
C ALA A 63 -2.26 7.69 -6.63
N PRO A 64 -2.42 6.53 -7.28
CA PRO A 64 -3.66 6.30 -8.04
C PRO A 64 -4.92 6.46 -7.19
N GLN A 65 -4.80 6.22 -5.89
CA GLN A 65 -5.94 6.33 -4.99
C GLN A 65 -6.46 7.77 -4.81
N ILE A 66 -5.65 8.75 -5.19
CA ILE A 66 -6.09 10.13 -5.11
C ILE A 66 -6.12 10.68 -6.54
N ASN A 67 -6.34 9.75 -7.47
CA ASN A 67 -6.45 10.03 -8.90
C ASN A 67 -5.22 10.64 -9.55
N ILE A 68 -4.05 10.18 -9.13
CA ILE A 68 -2.80 10.65 -9.70
C ILE A 68 -2.10 9.37 -10.18
N SER A 69 -2.10 9.18 -11.49
CA SER A 69 -1.51 7.98 -12.09
C SER A 69 0.01 8.04 -12.18
N LYS A 70 0.65 8.05 -11.02
CA LYS A 70 2.10 8.10 -10.93
C LYS A 70 2.57 7.03 -9.95
N ARG A 71 3.75 6.46 -10.19
CA ARG A 71 4.28 5.41 -9.33
C ARG A 71 4.94 5.92 -8.05
N MSE A 72 4.10 6.36 -7.12
CA MSE A 72 4.55 6.86 -5.81
C MSE A 72 3.64 6.26 -4.75
O MSE A 72 2.41 6.18 -4.94
CB MSE A 72 4.43 8.39 -5.72
CG MSE A 72 5.08 9.17 -6.82
SE MSE A 72 4.98 11.03 -6.38
CE MSE A 72 3.11 11.36 -6.75
N ILE A 73 4.22 5.85 -3.64
CA ILE A 73 3.43 5.29 -2.55
C ILE A 73 3.96 5.78 -1.21
N ALA A 74 3.10 5.71 -0.21
CA ALA A 74 3.46 6.09 1.14
C ALA A 74 3.04 4.94 2.04
N VAL A 75 3.94 4.53 2.93
CA VAL A 75 3.65 3.45 3.85
C VAL A 75 4.00 3.93 5.25
N LEU A 76 3.06 3.76 6.17
CA LEU A 76 3.27 4.20 7.54
C LEU A 76 2.74 3.14 8.50
N ILE A 77 3.60 2.21 8.86
CA ILE A 77 3.24 1.14 9.77
C ILE A 77 3.84 1.45 11.13
N PRO A 78 2.98 1.65 12.14
CA PRO A 78 3.43 1.97 13.50
C PRO A 78 4.16 0.83 14.19
N ASP A 79 4.91 1.17 15.24
CA ASP A 79 5.67 0.20 16.02
C ASP A 79 4.77 -0.97 16.41
N ASP A 80 5.20 -2.17 16.05
CA ASP A 80 4.47 -3.40 16.34
C ASP A 80 4.89 -3.95 17.70
N GLY A 81 5.42 -3.08 18.55
CA GLY A 81 5.87 -3.52 19.86
C GLY A 81 7.24 -4.16 19.76
N SER A 82 7.60 -4.55 18.54
CA SER A 82 8.89 -5.18 18.26
C SER A 82 9.97 -4.12 18.07
N GLY A 83 9.56 -2.85 18.07
CA GLY A 83 10.51 -1.78 17.88
C GLY A 83 10.66 -1.49 16.40
N LYS A 84 10.05 -2.35 15.57
CA LYS A 84 10.12 -2.16 14.13
C LYS A 84 8.93 -1.33 13.65
N SER A 85 9.22 -0.30 12.88
CA SER A 85 8.19 0.56 12.32
C SER A 85 8.62 0.90 10.90
N TYR A 86 7.66 1.22 10.05
CA TYR A 86 7.96 1.53 8.66
C TYR A 86 7.33 2.84 8.23
N ASP A 87 8.17 3.81 7.92
CA ASP A 87 7.73 5.13 7.49
C ASP A 87 8.49 5.41 6.20
N TYR A 88 7.86 5.06 5.07
CA TYR A 88 8.51 5.26 3.77
C TYR A 88 7.63 5.87 2.69
N MSE A 89 8.22 6.82 1.97
CA MSE A 89 7.58 7.47 0.84
C MSE A 89 8.47 6.99 -0.31
O MSE A 89 9.65 7.39 -0.39
CB MSE A 89 7.64 8.99 0.96
CG MSE A 89 6.78 9.58 2.09
SE MSE A 89 6.73 11.51 2.05
CE MSE A 89 8.51 11.85 2.75
N LEU A 90 7.95 6.14 -1.19
CA LEU A 90 8.75 5.61 -2.28
C LEU A 90 8.34 6.05 -3.69
N VAL A 91 9.35 6.29 -4.52
CA VAL A 91 9.16 6.69 -5.90
C VAL A 91 9.65 5.56 -6.79
N ASN A 92 8.83 5.15 -7.75
CA ASN A 92 9.15 4.06 -8.66
C ASN A 92 9.57 2.79 -7.95
N PRO A 93 8.82 2.39 -6.92
CA PRO A 93 9.18 1.15 -6.19
C PRO A 93 9.02 -0.07 -7.08
N LYS A 94 9.94 -1.01 -6.95
CA LYS A 94 9.89 -2.23 -7.74
C LYS A 94 10.45 -3.41 -6.97
N ILE A 95 9.71 -4.52 -6.99
CA ILE A 95 10.16 -5.73 -6.33
C ILE A 95 11.21 -6.35 -7.25
N VAL A 96 12.45 -6.45 -6.78
CA VAL A 96 13.51 -7.00 -7.61
C VAL A 96 13.72 -8.49 -7.38
N SER A 97 13.35 -8.96 -6.18
CA SER A 97 13.47 -10.38 -5.85
C SER A 97 12.50 -10.69 -4.72
N HIS A 98 12.16 -11.97 -4.58
CA HIS A 98 11.22 -12.37 -3.55
C HIS A 98 11.29 -13.87 -3.28
N SER A 99 10.77 -14.26 -2.12
CA SER A 99 10.75 -15.64 -1.72
C SER A 99 9.66 -16.37 -2.51
N VAL A 100 9.80 -17.69 -2.60
CA VAL A 100 8.80 -18.50 -3.28
C VAL A 100 7.67 -18.71 -2.28
N GLN A 101 8.03 -18.84 -1.01
CA GLN A 101 7.03 -19.04 0.04
C GLN A 101 6.12 -17.82 0.16
N GLU A 102 4.83 -18.08 0.33
CA GLU A 102 3.85 -17.01 0.45
C GLU A 102 3.46 -16.71 1.90
N ALA A 103 2.71 -15.62 2.06
CA ALA A 103 2.23 -15.19 3.36
C ALA A 103 0.85 -14.58 3.17
N TYR A 104 0.07 -14.51 4.24
CA TYR A 104 -1.26 -13.93 4.13
C TYR A 104 -1.76 -13.48 5.49
N LEU A 105 -2.58 -12.43 5.49
CA LEU A 105 -3.16 -11.94 6.73
C LEU A 105 -4.38 -12.83 6.95
N PRO A 106 -4.53 -13.39 8.16
CA PRO A 106 -5.66 -14.27 8.49
C PRO A 106 -7.07 -13.72 8.26
N THR A 107 -7.24 -12.41 8.34
CA THR A 107 -8.56 -11.82 8.13
C THR A 107 -8.73 -11.19 6.75
N GLY A 108 -7.73 -11.38 5.89
CA GLY A 108 -7.80 -10.82 4.56
C GLY A 108 -7.23 -9.42 4.54
N GLU A 109 -7.66 -8.60 3.59
CA GLU A 109 -7.17 -7.24 3.49
C GLU A 109 -8.30 -6.24 3.28
N GLY A 110 -7.94 -4.96 3.37
CA GLY A 110 -8.91 -3.89 3.20
C GLY A 110 -8.27 -2.79 2.37
N CYS A 111 -9.07 -1.82 1.93
CA CYS A 111 -8.56 -0.74 1.12
C CYS A 111 -9.48 0.47 1.22
N LEU A 112 -8.90 1.67 1.32
CA LEU A 112 -9.74 2.86 1.44
C LEU A 112 -10.53 3.11 0.16
N SER A 113 -10.07 2.56 -0.96
CA SER A 113 -10.76 2.73 -2.23
C SER A 113 -11.89 1.72 -2.42
N VAL A 114 -12.04 0.82 -1.45
CA VAL A 114 -13.11 -0.18 -1.49
C VAL A 114 -13.95 0.03 -0.23
N ASP A 115 -15.08 0.71 -0.38
CA ASP A 115 -15.96 1.03 0.73
C ASP A 115 -16.37 -0.14 1.63
N ASP A 116 -16.74 -1.26 1.02
CA ASP A 116 -17.17 -2.41 1.80
C ASP A 116 -16.10 -3.48 1.96
N ASN A 117 -16.12 -4.16 3.10
CA ASN A 117 -15.17 -5.22 3.37
C ASN A 117 -15.40 -6.39 2.43
N VAL A 118 -14.30 -7.09 2.12
CA VAL A 118 -14.36 -8.26 1.26
C VAL A 118 -13.62 -9.38 1.98
N ALA A 119 -14.29 -10.51 2.17
CA ALA A 119 -13.69 -11.65 2.84
C ALA A 119 -12.84 -12.43 1.85
N GLY A 120 -11.77 -13.06 2.35
CA GLY A 120 -10.92 -13.83 1.47
C GLY A 120 -9.45 -13.61 1.74
N LEU A 121 -8.67 -14.68 1.62
CA LEU A 121 -7.23 -14.60 1.84
C LEU A 121 -6.54 -14.05 0.61
N VAL A 122 -5.54 -13.22 0.84
CA VAL A 122 -4.76 -12.63 -0.25
C VAL A 122 -3.34 -13.12 -0.04
N HIS A 123 -2.93 -14.10 -0.82
CA HIS A 123 -1.59 -14.66 -0.70
C HIS A 123 -0.57 -13.81 -1.46
N ARG A 124 0.51 -13.46 -0.78
CA ARG A 124 1.56 -12.65 -1.37
C ARG A 124 2.90 -13.28 -1.00
N HIS A 125 4.00 -12.70 -1.46
CA HIS A 125 5.31 -13.24 -1.14
C HIS A 125 5.61 -12.92 0.32
N ASN A 126 6.15 -13.89 1.05
CA ASN A 126 6.46 -13.67 2.44
C ASN A 126 7.63 -12.70 2.58
N LYS A 127 8.60 -12.81 1.68
CA LYS A 127 9.77 -11.94 1.71
C LYS A 127 10.00 -11.30 0.36
N ILE A 128 10.35 -10.03 0.36
CA ILE A 128 10.61 -9.30 -0.87
C ILE A 128 11.74 -8.29 -0.69
N THR A 129 12.37 -7.94 -1.80
CA THR A 129 13.44 -6.95 -1.79
C THR A 129 12.96 -5.91 -2.79
N ILE A 130 12.84 -4.68 -2.33
CA ILE A 130 12.39 -3.58 -3.17
C ILE A 130 13.47 -2.54 -3.39
N LYS A 131 13.53 -2.02 -4.61
CA LYS A 131 14.46 -0.95 -4.93
C LYS A 131 13.56 0.19 -5.36
N ALA A 132 13.89 1.40 -4.91
CA ALA A 132 13.11 2.59 -5.25
C ALA A 132 13.98 3.80 -5.02
N LYS A 133 13.41 4.98 -5.27
CA LYS A 133 14.11 6.24 -5.02
C LYS A 133 13.29 6.88 -3.92
N ASP A 134 13.90 7.74 -3.13
CA ASP A 134 13.12 8.42 -2.11
C ASP A 134 12.67 9.76 -2.70
N ILE A 135 12.01 10.58 -1.90
CA ILE A 135 11.50 11.86 -2.40
C ILE A 135 12.56 12.78 -3.01
N GLU A 136 13.81 12.64 -2.60
CA GLU A 136 14.88 13.47 -3.14
C GLU A 136 15.65 12.79 -4.27
N GLY A 137 15.17 11.62 -4.70
CA GLY A 137 15.84 10.91 -5.78
C GLY A 137 16.99 10.01 -5.36
N ASN A 138 17.19 9.86 -4.05
CA ASN A 138 18.27 9.01 -3.58
C ASN A 138 17.80 7.56 -3.59
N ASP A 139 18.74 6.62 -3.51
CA ASP A 139 18.40 5.20 -3.58
C ASP A 139 18.04 4.52 -2.27
N ILE A 140 17.00 3.70 -2.34
CA ILE A 140 16.53 2.95 -1.19
C ILE A 140 16.33 1.51 -1.62
N GLN A 141 16.80 0.57 -0.81
CA GLN A 141 16.62 -0.84 -1.10
C GLN A 141 16.15 -1.46 0.20
N LEU A 142 14.94 -2.01 0.19
CA LEU A 142 14.36 -2.60 1.38
C LEU A 142 14.23 -4.11 1.31
N ARG A 143 14.45 -4.75 2.46
CA ARG A 143 14.31 -6.19 2.61
C ARG A 143 13.17 -6.30 3.61
N LEU A 144 12.03 -6.78 3.15
CA LEU A 144 10.84 -6.88 3.97
C LEU A 144 10.32 -8.30 4.12
N LYS A 145 9.63 -8.54 5.23
CA LYS A 145 9.07 -9.85 5.54
C LYS A 145 7.75 -9.74 6.28
N GLY A 146 6.85 -10.69 6.02
CA GLY A 146 5.57 -10.70 6.69
C GLY A 146 4.66 -9.51 6.45
N TYR A 147 4.07 -9.01 7.53
CA TYR A 147 3.13 -7.89 7.45
C TYR A 147 3.61 -6.71 6.57
N PRO A 148 4.78 -6.13 6.87
CA PRO A 148 5.22 -5.02 6.03
C PRO A 148 5.40 -5.41 4.56
N ALA A 149 5.85 -6.64 4.31
CA ALA A 149 6.04 -7.10 2.93
C ALA A 149 4.68 -7.13 2.24
N ILE A 150 3.66 -7.53 2.98
CA ILE A 150 2.31 -7.60 2.44
C ILE A 150 1.78 -6.20 2.14
N VAL A 151 2.02 -5.26 3.05
CA VAL A 151 1.56 -3.89 2.84
C VAL A 151 2.17 -3.27 1.59
N PHE A 152 3.49 -3.40 1.43
CA PHE A 152 4.13 -2.83 0.26
C PHE A 152 3.67 -3.47 -1.05
N GLN A 153 3.42 -4.78 -1.04
CA GLN A 153 2.98 -5.46 -2.25
C GLN A 153 1.59 -4.97 -2.62
N HIS A 154 0.76 -4.73 -1.59
CA HIS A 154 -0.58 -4.23 -1.77
C HIS A 154 -0.52 -2.85 -2.44
N GLU A 155 0.36 -1.99 -1.95
CA GLU A 155 0.49 -0.65 -2.49
C GLU A 155 1.07 -0.65 -3.91
N ILE A 156 2.07 -1.49 -4.15
CA ILE A 156 2.65 -1.56 -5.48
C ILE A 156 1.59 -2.07 -6.46
N ASP A 157 0.77 -3.00 -5.99
CA ASP A 157 -0.30 -3.54 -6.83
C ASP A 157 -1.15 -2.39 -7.38
N HIS A 158 -1.41 -1.39 -6.53
CA HIS A 158 -2.21 -0.24 -6.94
C HIS A 158 -1.62 0.45 -8.16
N LEU A 159 -0.29 0.47 -8.25
CA LEU A 159 0.41 1.13 -9.34
C LEU A 159 0.25 0.36 -10.66
N ASN A 160 -0.16 -0.89 -10.56
CA ASN A 160 -0.35 -1.72 -11.75
C ASN A 160 -1.83 -1.97 -12.02
N GLY A 161 -2.69 -1.23 -11.34
CA GLY A 161 -4.12 -1.37 -11.52
C GLY A 161 -4.68 -2.67 -10.96
N VAL A 162 -4.05 -3.16 -9.90
CA VAL A 162 -4.47 -4.40 -9.26
C VAL A 162 -5.06 -4.12 -7.89
N MSE A 163 -6.26 -4.65 -7.65
CA MSE A 163 -6.95 -4.48 -6.37
C MSE A 163 -6.80 -5.75 -5.55
O MSE A 163 -6.76 -6.85 -6.11
CB MSE A 163 -8.43 -4.16 -6.61
CG MSE A 163 -8.68 -2.92 -7.47
SE MSE A 163 -8.06 -1.24 -6.74
CE MSE A 163 -9.36 -1.02 -5.33
N PHE A 164 -6.71 -5.62 -4.23
CA PHE A 164 -6.52 -6.77 -3.35
C PHE A 164 -7.49 -7.93 -3.58
N TYR A 165 -8.74 -7.62 -3.91
CA TYR A 165 -9.72 -8.68 -4.11
C TYR A 165 -9.50 -9.49 -5.38
N ASP A 166 -8.60 -9.03 -6.24
CA ASP A 166 -8.30 -9.75 -7.47
C ASP A 166 -7.60 -11.07 -7.12
N HIS A 167 -6.98 -11.11 -5.94
CA HIS A 167 -6.23 -12.31 -5.50
C HIS A 167 -7.06 -13.34 -4.74
N ILE A 168 -8.30 -12.98 -4.39
CA ILE A 168 -9.15 -13.88 -3.62
C ILE A 168 -9.82 -14.97 -4.46
N ASP A 169 -9.64 -16.22 -4.02
CA ASP A 169 -10.22 -17.35 -4.73
C ASP A 169 -11.74 -17.32 -4.55
N LYS A 170 -12.46 -17.48 -5.65
CA LYS A 170 -13.92 -17.45 -5.62
C LYS A 170 -14.57 -18.60 -4.87
N ASP A 171 -14.15 -19.82 -5.18
CA ASP A 171 -14.72 -21.01 -4.56
C ASP A 171 -14.29 -21.25 -3.11
N HIS A 172 -13.01 -21.05 -2.81
CA HIS A 172 -12.49 -21.25 -1.46
C HIS A 172 -11.69 -20.06 -0.98
N PRO A 173 -12.34 -18.91 -0.80
CA PRO A 173 -11.69 -17.67 -0.34
C PRO A 173 -10.92 -17.75 0.96
N LEU A 174 -11.38 -18.58 1.90
CA LEU A 174 -10.70 -18.69 3.19
C LEU A 174 -9.72 -19.86 3.33
N GLN A 175 -9.51 -20.60 2.25
CA GLN A 175 -8.59 -21.73 2.31
C GLN A 175 -7.14 -21.30 2.09
N PRO A 176 -6.30 -21.44 3.13
CA PRO A 176 -4.88 -21.05 3.02
C PRO A 176 -4.12 -21.96 2.06
N HIS A 177 -3.17 -21.40 1.34
CA HIS A 177 -2.35 -22.18 0.42
C HIS A 177 -1.42 -23.01 1.29
N THR A 178 -1.16 -24.25 0.89
CA THR A 178 -0.29 -25.11 1.66
C THR A 178 1.11 -24.49 1.81
N ASP A 179 1.63 -24.52 3.03
CA ASP A 179 2.95 -23.98 3.33
C ASP A 179 3.02 -22.45 3.39
N ALA A 180 1.89 -21.78 3.20
CA ALA A 180 1.86 -20.32 3.25
C ALA A 180 1.95 -19.87 4.71
N VAL A 181 2.64 -18.75 4.94
CA VAL A 181 2.82 -18.23 6.28
C VAL A 181 1.65 -17.38 6.76
N GLU A 182 1.05 -17.78 7.88
CA GLU A 182 -0.04 -17.03 8.45
C GLU A 182 0.63 -15.91 9.25
N VAL A 183 0.44 -14.68 8.81
CA VAL A 183 1.07 -13.55 9.48
C VAL A 183 0.29 -13.11 10.70
N HIS A 184 0.91 -13.23 11.88
CA HIS A 184 0.28 -12.83 13.13
C HIS A 184 0.70 -11.42 13.47
ZN ZN B . -5.32 -0.19 -0.97
#